data_2OD0
#
_entry.id   2OD0
#
_cell.length_a   42.458
_cell.length_b   42.876
_cell.length_c   157.900
_cell.angle_alpha   90.00
_cell.angle_beta   90.00
_cell.angle_gamma   90.00
#
_symmetry.space_group_name_H-M   'P 21 21 21'
#
loop_
_entity.id
_entity.type
_entity.pdbx_description
1 polymer 'Hypothetical protein VP1028'
2 non-polymer 'MAGNESIUM ION'
3 non-polymer 'SULFATE ION'
4 water water
#
_entity_poly.entity_id   1
_entity_poly.type   'polypeptide(L)'
_entity_poly.pdbx_seq_one_letter_code
;(MSE)DKPILKDS(MSE)KLFEALGTIKSRS(MSE)FGGFGLFADET(MSE)FALVVNNQLHIRADQQTSSDFETQGLKP
YVYKKRGFPVVTKYYAISSELWESSDRLIEVAKKSLENAKL
;
_entity_poly.pdbx_strand_id   A,B
#
loop_
_chem_comp.id
_chem_comp.type
_chem_comp.name
_chem_comp.formula
MG non-polymer 'MAGNESIUM ION' 'Mg 2'
SO4 non-polymer 'SULFATE ION' 'O4 S -2'
#
# COMPACT_ATOMS: atom_id res chain seq x y z
N LYS A 3 -8.73 10.50 -2.21
CA LYS A 3 -7.40 10.62 -1.49
C LYS A 3 -6.81 9.30 -0.98
N PRO A 4 -7.37 8.67 0.10
CA PRO A 4 -6.75 7.46 0.66
C PRO A 4 -7.20 6.19 -0.06
N ILE A 5 -7.45 6.33 -1.35
CA ILE A 5 -7.90 5.20 -2.14
C ILE A 5 -6.97 3.99 -2.08
N LEU A 6 -5.65 4.19 -2.04
CA LEU A 6 -4.71 3.06 -2.03
C LEU A 6 -4.86 2.26 -0.74
N LYS A 7 -4.74 2.95 0.37
CA LYS A 7 -4.90 2.33 1.65
C LYS A 7 -6.29 1.74 1.81
N ASP A 8 -7.32 2.47 1.42
CA ASP A 8 -8.67 1.91 1.53
C ASP A 8 -8.88 0.65 0.69
N SER A 9 -8.28 0.62 -0.50
CA SER A 9 -8.33 -0.59 -1.34
C SER A 9 -7.61 -1.78 -0.71
N MSE A 10 -6.39 -1.55 -0.27
CA MSE A 10 -5.58 -2.60 0.35
C MSE A 10 -6.31 -3.14 1.55
O MSE A 10 -6.45 -4.34 1.70
CB MSE A 10 -4.20 -2.09 0.71
CG MSE A 10 -3.39 -1.79 -0.50
SE MSE A 10 -1.57 -1.19 -0.07
CE MSE A 10 -0.85 -2.94 0.54
N LYS A 11 -6.89 -2.25 2.36
CA LYS A 11 -7.62 -2.69 3.55
C LYS A 11 -8.85 -3.53 3.17
N LEU A 12 -9.61 -3.07 2.20
CA LEU A 12 -10.83 -3.79 1.77
C LEU A 12 -10.49 -5.19 1.30
N PHE A 13 -9.42 -5.29 0.52
CA PHE A 13 -9.06 -6.57 -0.08
C PHE A 13 -8.32 -7.56 0.80
N GLU A 14 -8.06 -7.19 2.05
CA GLU A 14 -7.59 -8.14 3.05
C GLU A 14 -8.55 -9.33 3.25
N ALA A 15 -9.79 -9.20 2.78
CA ALA A 15 -10.68 -10.36 2.60
C ALA A 15 -10.07 -11.44 1.74
N LEU A 16 -9.07 -11.09 0.92
CA LEU A 16 -8.36 -12.06 0.10
C LEU A 16 -7.05 -12.57 0.75
N GLY A 17 -6.79 -12.12 1.98
CA GLY A 17 -5.56 -12.42 2.69
C GLY A 17 -4.63 -11.23 2.68
N THR A 18 -3.37 -11.47 2.99
CA THR A 18 -2.38 -10.40 2.98
C THR A 18 -2.35 -9.71 1.62
N ILE A 19 -2.33 -8.38 1.62
CA ILE A 19 -2.25 -7.60 0.38
C ILE A 19 -0.89 -6.94 0.37
N LYS A 20 -0.21 -7.06 -0.77
CA LYS A 20 1.09 -6.44 -1.01
C LYS A 20 0.97 -5.43 -2.14
N SER A 21 1.77 -4.38 -2.09
CA SER A 21 1.79 -3.35 -3.12
C SER A 21 3.24 -3.01 -3.50
N ARG A 22 3.41 -2.66 -4.77
CA ARG A 22 4.65 -2.08 -5.27
C ARG A 22 4.33 -1.25 -6.51
N SER A 23 5.28 -0.43 -6.93
CA SER A 23 5.13 0.45 -8.08
C SER A 23 4.85 -0.41 -9.30
N MSE A 24 3.74 -0.15 -10.00
CA MSE A 24 3.41 -0.80 -11.27
C MSE A 24 2.69 0.18 -12.19
O MSE A 24 1.70 0.81 -11.78
CB MSE A 24 2.49 -2.02 -11.10
CG MSE A 24 2.98 -3.16 -10.19
SE MSE A 24 4.56 -4.06 -10.95
CE MSE A 24 3.75 -5.23 -12.31
N PHE A 25 3.18 0.29 -13.45
CA PHE A 25 2.46 0.99 -14.53
C PHE A 25 2.12 2.44 -14.21
N GLY A 26 3.01 3.09 -13.45
CA GLY A 26 2.87 4.51 -13.09
C GLY A 26 2.04 4.73 -11.85
N GLY A 27 1.51 3.65 -11.28
CA GLY A 27 0.78 3.72 -10.01
C GLY A 27 1.24 2.62 -9.06
N PHE A 28 0.29 2.04 -8.33
CA PHE A 28 0.61 1.00 -7.35
C PHE A 28 -0.21 -0.23 -7.59
N GLY A 29 0.44 -1.34 -7.86
CA GLY A 29 -0.25 -2.61 -8.07
C GLY A 29 -0.60 -3.26 -6.75
N LEU A 30 -1.72 -3.98 -6.71
CA LEU A 30 -2.16 -4.72 -5.54
C LEU A 30 -2.08 -6.21 -5.85
N PHE A 31 -1.49 -6.96 -4.91
CA PHE A 31 -1.15 -8.37 -5.05
C PHE A 31 -1.70 -9.17 -3.87
N ALA A 32 -2.27 -10.34 -4.19
CA ALA A 32 -2.69 -11.32 -3.22
C ALA A 32 -2.20 -12.65 -3.75
N ASP A 33 -1.78 -13.55 -2.85
CA ASP A 33 -1.22 -14.82 -3.26
C ASP A 33 -0.21 -14.66 -4.40
N GLU A 34 0.66 -13.65 -4.30
CA GLU A 34 1.70 -13.36 -5.31
C GLU A 34 1.20 -13.00 -6.70
N THR A 35 -0.06 -12.60 -6.84
CA THR A 35 -0.66 -12.30 -8.13
C THR A 35 -1.31 -10.92 -8.10
N MSE A 36 -0.97 -10.08 -9.06
CA MSE A 36 -1.54 -8.75 -9.14
C MSE A 36 -2.98 -8.86 -9.65
O MSE A 36 -3.26 -9.56 -10.63
CB MSE A 36 -0.73 -7.87 -10.09
CG MSE A 36 -1.11 -6.42 -10.09
SE MSE A 36 0.12 -5.34 -11.18
CE MSE A 36 -1.00 -3.74 -11.52
N PHE A 37 -3.89 -8.15 -9.01
CA PHE A 37 -5.29 -8.15 -9.40
C PHE A 37 -5.90 -6.73 -9.53
N ALA A 38 -5.16 -5.72 -9.08
CA ALA A 38 -5.65 -4.39 -9.02
C ALA A 38 -4.52 -3.41 -9.15
N LEU A 39 -4.90 -2.19 -9.51
CA LEU A 39 -3.98 -1.07 -9.74
C LEU A 39 -4.65 0.18 -9.26
N VAL A 40 -3.92 0.96 -8.46
CA VAL A 40 -4.37 2.28 -8.06
C VAL A 40 -3.47 3.30 -8.75
N VAL A 41 -4.09 4.14 -9.58
CA VAL A 41 -3.38 5.15 -10.38
C VAL A 41 -4.42 6.25 -10.70
N ASN A 42 -3.97 7.49 -10.90
CA ASN A 42 -4.89 8.63 -11.09
C ASN A 42 -5.97 8.70 -10.00
N ASN A 43 -5.57 8.35 -8.80
CA ASN A 43 -6.47 8.28 -7.64
C ASN A 43 -7.75 7.45 -7.86
N GLN A 44 -7.62 6.38 -8.63
CA GLN A 44 -8.74 5.51 -9.01
C GLN A 44 -8.33 4.06 -8.89
N LEU A 45 -9.23 3.25 -8.35
CA LEU A 45 -9.09 1.81 -8.34
C LEU A 45 -9.43 1.20 -9.68
N HIS A 46 -8.51 0.36 -10.17
CA HIS A 46 -8.70 -0.42 -11.37
C HIS A 46 -8.57 -1.91 -11.03
N ILE A 47 -9.35 -2.73 -11.72
CA ILE A 47 -9.30 -4.18 -11.56
C ILE A 47 -8.78 -4.83 -12.83
N ARG A 48 -8.06 -5.95 -12.66
CA ARG A 48 -7.49 -6.70 -13.80
C ARG A 48 -8.54 -7.49 -14.54
N ALA A 49 -8.64 -7.22 -15.83
CA ALA A 49 -9.42 -8.04 -16.78
C ALA A 49 -8.50 -9.03 -17.47
N ASP A 50 -8.86 -10.30 -17.50
CA ASP A 50 -8.06 -11.26 -18.24
C ASP A 50 -8.18 -11.00 -19.76
N GLN A 51 -7.37 -11.70 -20.55
CA GLN A 51 -7.32 -11.43 -21.98
C GLN A 51 -8.71 -11.41 -22.59
N GLN A 52 -9.45 -12.47 -22.32
CA GLN A 52 -10.81 -12.62 -22.85
C GLN A 52 -11.75 -11.49 -22.41
N THR A 53 -11.66 -11.09 -21.15
CA THR A 53 -12.49 -10.02 -20.64
C THR A 53 -12.05 -8.70 -21.29
N SER A 54 -10.74 -8.47 -21.40
CA SER A 54 -10.28 -7.19 -21.94
C SER A 54 -10.62 -7.04 -23.41
N SER A 55 -10.48 -8.12 -24.19
CA SER A 55 -10.89 -8.06 -25.60
C SER A 55 -12.36 -7.70 -25.76
N ASP A 56 -13.19 -8.37 -24.97
CA ASP A 56 -14.62 -8.10 -24.99
C ASP A 56 -14.92 -6.67 -24.62
N PHE A 57 -14.42 -6.22 -23.47
CA PHE A 57 -14.54 -4.80 -23.07
C PHE A 57 -14.20 -3.79 -24.15
N GLU A 58 -13.07 -4.01 -24.84
CA GLU A 58 -12.65 -3.14 -25.93
C GLU A 58 -13.61 -3.16 -27.12
N THR A 59 -14.09 -4.34 -27.49
CA THR A 59 -15.10 -4.48 -28.53
C THR A 59 -16.38 -3.74 -28.15
N GLN A 60 -16.67 -3.73 -26.85
CA GLN A 60 -17.87 -3.08 -26.31
C GLN A 60 -17.64 -1.63 -25.88
N GLY A 61 -16.55 -1.03 -26.32
CA GLY A 61 -16.35 0.42 -26.22
C GLY A 61 -15.73 0.94 -24.96
N LEU A 62 -15.22 0.04 -24.13
CA LEU A 62 -14.56 0.38 -22.90
C LEU A 62 -13.05 0.42 -23.16
N LYS A 63 -12.33 1.20 -22.34
CA LYS A 63 -10.92 1.46 -22.58
C LYS A 63 -10.13 1.18 -21.30
N PRO A 64 -9.06 0.39 -21.39
CA PRO A 64 -8.21 0.18 -20.22
C PRO A 64 -7.30 1.38 -19.95
N TYR A 65 -6.72 1.39 -18.75
CA TYR A 65 -5.74 2.38 -18.36
C TYR A 65 -4.50 2.14 -19.25
N VAL A 66 -3.91 3.23 -19.72
CA VAL A 66 -2.71 3.22 -20.52
C VAL A 66 -1.63 4.00 -19.77
N TYR A 67 -0.47 3.38 -19.54
CA TYR A 67 0.68 4.06 -18.94
C TYR A 67 1.52 4.68 -20.08
N LYS A 68 1.97 5.91 -19.89
CA LYS A 68 2.78 6.60 -20.88
C LYS A 68 4.06 7.17 -20.31
N LYS A 69 5.12 7.09 -21.10
CA LYS A 69 6.37 7.72 -20.76
C LYS A 69 7.03 8.15 -22.02
N ARG A 70 7.35 9.45 -22.09
CA ARG A 70 8.01 10.05 -23.23
C ARG A 70 7.47 9.57 -24.57
N GLY A 71 6.16 9.47 -24.66
CA GLY A 71 5.53 9.17 -25.93
C GLY A 71 5.45 7.69 -26.28
N PHE A 72 5.71 6.84 -25.29
CA PHE A 72 5.61 5.39 -25.42
C PHE A 72 4.47 4.92 -24.51
N PRO A 73 3.34 4.56 -25.14
CA PRO A 73 2.21 4.08 -24.41
C PRO A 73 2.22 2.55 -24.23
N VAL A 74 1.76 2.11 -23.06
CA VAL A 74 1.62 0.70 -22.72
C VAL A 74 0.17 0.51 -22.28
N VAL A 75 -0.58 -0.21 -23.09
CA VAL A 75 -1.99 -0.47 -22.83
C VAL A 75 -2.04 -1.63 -21.83
N THR A 76 -2.65 -1.41 -20.69
CA THR A 76 -2.69 -2.40 -19.62
C THR A 76 -4.00 -3.19 -19.71
N LYS A 77 -4.13 -4.18 -18.81
CA LYS A 77 -5.36 -4.94 -18.63
C LYS A 77 -6.27 -4.40 -17.49
N TYR A 78 -5.97 -3.19 -17.02
CA TYR A 78 -6.59 -2.62 -15.84
C TYR A 78 -7.67 -1.60 -16.19
N TYR A 79 -8.89 -1.91 -15.73
CA TYR A 79 -10.06 -1.08 -15.97
C TYR A 79 -10.55 -0.38 -14.69
N ALA A 80 -10.77 0.92 -14.80
CA ALA A 80 -11.26 1.73 -13.71
C ALA A 80 -12.60 1.21 -13.27
N ILE A 81 -12.79 1.01 -11.96
CA ILE A 81 -14.07 0.51 -11.47
C ILE A 81 -15.07 1.65 -11.44
N SER A 82 -16.35 1.34 -11.35
CA SER A 82 -17.32 2.42 -11.21
C SER A 82 -17.37 2.86 -9.78
N SER A 83 -17.76 4.12 -9.61
CA SER A 83 -18.05 4.69 -8.31
C SER A 83 -19.04 3.83 -7.51
N GLU A 84 -20.04 3.29 -8.19
CA GLU A 84 -21.09 2.47 -7.55
C GLU A 84 -20.52 1.23 -6.89
N LEU A 85 -19.57 0.58 -7.56
CA LEU A 85 -18.88 -0.57 -6.98
C LEU A 85 -18.25 -0.30 -5.61
N TRP A 86 -17.68 0.88 -5.42
CA TRP A 86 -17.13 1.28 -4.10
C TRP A 86 -18.15 1.30 -3.00
N GLU A 87 -19.36 1.72 -3.35
CA GLU A 87 -20.45 1.72 -2.41
C GLU A 87 -20.91 0.31 -2.07
N SER A 88 -20.41 -0.67 -2.84
CA SER A 88 -20.82 -2.07 -2.75
C SER A 88 -19.62 -2.93 -2.31
N SER A 89 -19.20 -2.75 -1.05
CA SER A 89 -17.99 -3.42 -0.51
C SER A 89 -17.88 -4.91 -0.77
N ASP A 90 -18.91 -5.65 -0.42
CA ASP A 90 -18.89 -7.09 -0.63
C ASP A 90 -18.88 -7.44 -2.11
N ARG A 91 -19.61 -6.68 -2.90
CA ARG A 91 -19.60 -6.88 -4.36
C ARG A 91 -18.22 -6.66 -4.94
N LEU A 92 -17.53 -5.60 -4.47
CA LEU A 92 -16.21 -5.23 -4.97
C LEU A 92 -15.18 -6.31 -4.56
N ILE A 93 -15.32 -6.81 -3.34
CA ILE A 93 -14.50 -7.92 -2.87
C ILE A 93 -14.67 -9.12 -3.80
N GLU A 94 -15.92 -9.42 -4.16
CA GLU A 94 -16.14 -10.53 -5.07
C GLU A 94 -15.57 -10.27 -6.46
N VAL A 95 -15.57 -9.02 -6.92
CA VAL A 95 -15.04 -8.68 -8.23
C VAL A 95 -13.53 -8.94 -8.25
N ALA A 96 -12.86 -8.51 -7.18
CA ALA A 96 -11.44 -8.77 -6.99
C ALA A 96 -11.16 -10.26 -6.86
N LYS A 97 -11.98 -10.98 -6.11
CA LYS A 97 -11.74 -12.45 -5.99
C LYS A 97 -11.82 -13.12 -7.36
N LYS A 98 -12.80 -12.73 -8.17
CA LYS A 98 -12.99 -13.29 -9.50
C LYS A 98 -11.83 -12.91 -10.43
N SER A 99 -11.29 -11.70 -10.26
CA SER A 99 -10.18 -11.24 -11.06
C SER A 99 -8.90 -12.00 -10.70
N LEU A 100 -8.64 -12.13 -9.40
CA LEU A 100 -7.51 -12.92 -8.92
C LEU A 100 -7.61 -14.38 -9.43
N GLU A 101 -8.80 -14.94 -9.37
CA GLU A 101 -9.07 -16.28 -9.90
C GLU A 101 -8.73 -16.39 -11.40
N ASN A 102 -9.18 -15.42 -12.18
CA ASN A 102 -8.89 -15.41 -13.61
C ASN A 102 -7.41 -15.16 -13.89
N ALA A 103 -6.75 -14.37 -13.04
CA ALA A 103 -5.34 -14.05 -13.20
C ALA A 103 -4.46 -15.29 -12.95
N LYS A 104 -4.96 -16.20 -12.11
CA LYS A 104 -4.26 -17.45 -11.78
C LYS A 104 -4.48 -18.58 -12.81
N LEU A 105 -5.50 -18.49 -13.67
CA LEU A 105 -5.89 -19.65 -14.50
C LEU A 105 -4.81 -20.09 -15.49
N LYS B 3 -4.00 12.43 4.39
CA LYS B 3 -4.92 11.24 4.34
C LYS B 3 -4.36 10.10 3.51
N PRO B 4 -3.86 10.39 2.26
CA PRO B 4 -3.09 9.39 1.54
C PRO B 4 -1.70 9.33 2.09
N ILE B 5 -1.62 9.13 3.40
CA ILE B 5 -0.36 8.98 4.08
C ILE B 5 0.42 7.84 3.48
N LEU B 6 -0.24 6.71 3.17
CA LEU B 6 0.47 5.53 2.69
C LEU B 6 1.08 5.78 1.32
N LYS B 7 0.25 6.24 0.39
CA LYS B 7 0.74 6.56 -0.93
C LYS B 7 1.84 7.61 -0.89
N ASP B 8 1.60 8.67 -0.16
CA ASP B 8 2.56 9.73 -0.02
C ASP B 8 3.86 9.20 0.55
N SER B 9 3.75 8.31 1.54
CA SER B 9 4.94 7.76 2.16
C SER B 9 5.74 6.86 1.23
N MSE B 10 5.04 6.02 0.47
CA MSE B 10 5.70 5.13 -0.45
C MSE B 10 6.48 5.93 -1.50
O MSE B 10 7.62 5.57 -1.81
CB MSE B 10 4.68 4.22 -1.14
CG MSE B 10 4.04 3.23 -0.19
SE MSE B 10 2.81 1.99 -1.10
CE MSE B 10 4.14 1.04 -2.17
N LYS B 11 5.87 7.01 -1.99
CA LYS B 11 6.55 7.92 -2.96
C LYS B 11 7.72 8.66 -2.30
N LEU B 12 7.50 9.17 -1.08
CA LEU B 12 8.53 9.96 -0.40
C LEU B 12 9.82 9.18 -0.24
N PHE B 13 9.70 7.92 0.14
CA PHE B 13 10.88 7.11 0.50
C PHE B 13 11.58 6.39 -0.71
N GLU B 14 11.20 6.75 -1.93
CA GLU B 14 11.78 6.14 -3.13
C GLU B 14 13.32 6.18 -3.14
N ALA B 15 13.93 7.22 -2.58
CA ALA B 15 15.41 7.32 -2.52
C ALA B 15 16.09 6.23 -1.67
N LEU B 16 15.38 5.71 -0.68
CA LEU B 16 15.93 4.72 0.23
C LEU B 16 16.18 3.37 -0.39
N GLY B 17 15.45 3.06 -1.44
CA GLY B 17 15.52 1.75 -2.09
C GLY B 17 14.24 1.58 -2.88
N THR B 18 13.99 0.36 -3.33
CA THR B 18 12.70 0.00 -3.90
C THR B 18 11.71 -0.16 -2.74
N ILE B 19 10.62 0.58 -2.81
CA ILE B 19 9.66 0.61 -1.73
C ILE B 19 8.49 -0.31 -2.09
N LYS B 20 8.18 -1.21 -1.16
CA LYS B 20 7.01 -2.08 -1.19
C LYS B 20 6.23 -1.97 0.10
N SER B 21 4.92 -2.23 0.05
CA SER B 21 4.11 -2.27 1.26
C SER B 21 3.27 -3.55 1.36
N ARG B 22 2.88 -3.87 2.59
CA ARG B 22 2.01 -5.00 2.80
C ARG B 22 1.27 -4.88 4.13
N SER B 23 0.18 -5.64 4.23
CA SER B 23 -0.59 -5.74 5.45
C SER B 23 0.40 -6.08 6.58
N MSE B 24 0.49 -5.24 7.59
CA MSE B 24 1.33 -5.53 8.78
C MSE B 24 0.76 -4.93 10.01
O MSE B 24 0.52 -3.72 10.05
CB MSE B 24 2.75 -4.97 8.66
CG MSE B 24 3.67 -5.59 7.66
SE MSE B 24 4.15 -7.50 8.01
CE MSE B 24 5.38 -7.31 9.51
N PHE B 25 0.59 -5.74 11.04
CA PHE B 25 0.23 -5.27 12.38
C PHE B 25 -1.01 -4.41 12.40
N GLY B 26 -1.95 -4.69 11.53
CA GLY B 26 -3.22 -3.97 11.55
C GLY B 26 -3.17 -2.74 10.66
N GLY B 27 -2.01 -2.46 10.08
CA GLY B 27 -1.85 -1.35 9.15
C GLY B 27 -1.07 -1.82 7.92
N PHE B 28 -0.25 -0.93 7.37
CA PHE B 28 0.59 -1.26 6.21
C PHE B 28 2.04 -0.94 6.46
N GLY B 29 2.85 -1.98 6.39
CA GLY B 29 4.29 -1.87 6.56
C GLY B 29 4.94 -1.45 5.26
N LEU B 30 5.95 -0.60 5.38
CA LEU B 30 6.77 -0.12 4.29
C LEU B 30 8.14 -0.75 4.41
N PHE B 31 8.57 -1.33 3.30
CA PHE B 31 9.82 -2.05 3.18
C PHE B 31 10.70 -1.41 2.13
N ALA B 32 11.98 -1.26 2.43
CA ALA B 32 12.98 -0.81 1.46
C ALA B 32 13.90 -1.98 1.23
N ASP B 33 13.99 -2.42 -0.03
CA ASP B 33 14.69 -3.65 -0.39
C ASP B 33 14.51 -4.72 0.66
N GLU B 34 13.25 -5.02 0.98
CA GLU B 34 12.92 -6.15 1.86
C GLU B 34 13.09 -5.96 3.36
N THR B 35 13.48 -4.77 3.80
CA THR B 35 13.54 -4.47 5.25
C THR B 35 12.47 -3.45 5.62
N MSE B 36 11.58 -3.83 6.54
CA MSE B 36 10.58 -2.90 7.05
C MSE B 36 11.19 -1.80 7.92
O MSE B 36 12.03 -2.04 8.81
CB MSE B 36 9.51 -3.66 7.81
CG MSE B 36 8.27 -2.85 8.08
SE MSE B 36 6.90 -3.97 8.91
CE MSE B 36 5.90 -2.59 9.88
N PHE B 37 10.80 -0.57 7.65
CA PHE B 37 11.29 0.60 8.41
C PHE B 37 10.18 1.55 8.86
N ALA B 38 8.95 1.33 8.37
CA ALA B 38 7.86 2.24 8.67
C ALA B 38 6.55 1.51 8.64
N LEU B 39 5.54 2.11 9.25
CA LEU B 39 4.21 1.55 9.34
C LEU B 39 3.18 2.67 9.30
N VAL B 40 2.23 2.55 8.38
CA VAL B 40 1.09 3.41 8.36
C VAL B 40 -0.12 2.73 8.99
N VAL B 41 -0.60 3.33 10.08
CA VAL B 41 -1.77 2.86 10.85
C VAL B 41 -2.35 4.05 11.62
N ASN B 42 -3.65 4.02 11.91
CA ASN B 42 -4.28 5.14 12.59
C ASN B 42 -4.05 6.45 11.86
N ASN B 43 -4.04 6.37 10.53
CA ASN B 43 -3.72 7.49 9.61
C ASN B 43 -2.49 8.32 9.99
N GLN B 44 -1.43 7.64 10.42
CA GLN B 44 -0.20 8.31 10.81
C GLN B 44 0.95 7.45 10.40
N LEU B 45 2.03 8.08 9.97
CA LEU B 45 3.27 7.37 9.69
C LEU B 45 3.98 7.07 11.00
N HIS B 46 4.42 5.82 11.15
CA HIS B 46 5.27 5.38 12.27
C HIS B 46 6.63 4.91 11.73
N ILE B 47 7.71 5.16 12.47
CA ILE B 47 9.06 4.77 12.09
C ILE B 47 9.55 3.67 13.07
N ARG B 48 10.33 2.73 12.56
CA ARG B 48 10.85 1.64 13.40
C ARG B 48 11.94 2.14 14.34
N ALA B 49 11.80 1.80 15.62
CA ALA B 49 12.85 2.06 16.61
C ALA B 49 13.51 0.71 16.88
N ASP B 50 14.83 0.65 16.80
CA ASP B 50 15.55 -0.56 17.18
C ASP B 50 15.40 -0.81 18.69
N GLN B 51 15.92 -1.94 19.17
CA GLN B 51 15.69 -2.34 20.57
C GLN B 51 16.13 -1.26 21.56
N GLN B 52 17.30 -0.69 21.31
CA GLN B 52 17.85 0.34 22.18
C GLN B 52 17.01 1.60 22.17
N THR B 53 16.59 2.01 20.98
CA THR B 53 15.80 3.21 20.85
C THR B 53 14.47 3.02 21.57
N SER B 54 13.82 1.89 21.32
CA SER B 54 12.50 1.59 21.92
C SER B 54 12.55 1.49 23.43
N SER B 55 13.63 0.89 23.93
CA SER B 55 13.83 0.75 25.37
C SER B 55 13.95 2.14 26.02
N ASP B 56 14.80 2.97 25.44
CA ASP B 56 14.98 4.36 25.87
C ASP B 56 13.66 5.15 25.81
N PHE B 57 13.00 5.11 24.66
CA PHE B 57 11.68 5.72 24.45
C PHE B 57 10.66 5.37 25.56
N GLU B 58 10.54 4.09 25.90
CA GLU B 58 9.57 3.66 26.88
C GLU B 58 9.95 4.18 28.28
N THR B 59 11.22 4.12 28.63
CA THR B 59 11.73 4.69 29.86
C THR B 59 11.42 6.19 29.93
N GLN B 60 11.48 6.85 28.78
CA GLN B 60 11.24 8.29 28.66
C GLN B 60 9.80 8.67 28.33
N GLY B 61 8.89 7.72 28.55
CA GLY B 61 7.44 8.04 28.60
C GLY B 61 6.75 8.00 27.24
N LEU B 62 7.46 7.56 26.20
CA LEU B 62 6.91 7.40 24.85
C LEU B 62 6.33 6.00 24.68
N LYS B 63 5.25 5.87 23.90
CA LYS B 63 4.54 4.59 23.78
C LYS B 63 4.48 4.17 22.30
N PRO B 64 4.92 2.94 22.00
CA PRO B 64 4.82 2.46 20.64
C PRO B 64 3.36 2.14 20.29
N TYR B 65 3.10 2.03 18.98
CA TYR B 65 1.87 1.46 18.50
C TYR B 65 1.70 0.01 18.96
N VAL B 66 0.49 -0.30 19.40
CA VAL B 66 0.12 -1.61 19.87
C VAL B 66 -1.01 -2.14 18.98
N TYR B 67 -0.77 -3.25 18.34
CA TYR B 67 -1.79 -3.91 17.51
C TYR B 67 -2.64 -4.83 18.39
N LYS B 68 -3.97 -4.72 18.30
CA LYS B 68 -4.86 -5.50 19.17
C LYS B 68 -5.97 -6.19 18.39
N LYS B 69 -6.19 -7.46 18.68
CA LYS B 69 -7.29 -8.22 18.13
C LYS B 69 -7.91 -9.03 19.25
N ARG B 70 -9.21 -8.84 19.46
CA ARG B 70 -10.00 -9.63 20.42
C ARG B 70 -9.33 -9.79 21.78
N GLY B 71 -8.79 -8.68 22.28
CA GLY B 71 -8.18 -8.65 23.59
C GLY B 71 -6.74 -9.14 23.66
N PHE B 72 -6.14 -9.46 22.52
CA PHE B 72 -4.72 -9.88 22.46
C PHE B 72 -3.92 -8.69 21.89
N PRO B 73 -3.16 -8.01 22.74
CA PRO B 73 -2.33 -6.90 22.33
C PRO B 73 -0.91 -7.33 21.90
N VAL B 74 -0.45 -6.78 20.79
CA VAL B 74 0.91 -7.01 20.32
C VAL B 74 1.64 -5.67 20.29
N VAL B 75 2.57 -5.50 21.21
CA VAL B 75 3.35 -4.25 21.26
C VAL B 75 4.38 -4.28 20.13
N THR B 76 4.43 -3.24 19.30
CA THR B 76 5.38 -3.21 18.19
C THR B 76 6.53 -2.27 18.49
N LYS B 77 7.44 -2.17 17.53
CA LYS B 77 8.59 -1.28 17.63
C LYS B 77 8.34 0.04 16.88
N TYR B 78 7.10 0.35 16.54
CA TYR B 78 6.76 1.47 15.64
C TYR B 78 6.20 2.65 16.39
N TYR B 79 6.90 3.77 16.30
CA TYR B 79 6.50 5.02 16.96
C TYR B 79 6.03 6.07 15.98
N ALA B 80 4.86 6.65 16.28
CA ALA B 80 4.25 7.66 15.46
C ALA B 80 5.14 8.89 15.38
N ILE B 81 5.25 9.45 14.18
CA ILE B 81 6.05 10.66 13.97
C ILE B 81 5.26 11.89 14.33
N SER B 82 5.94 13.00 14.55
CA SER B 82 5.27 14.25 14.82
C SER B 82 4.72 14.83 13.53
N SER B 83 3.68 15.65 13.62
CA SER B 83 3.20 16.38 12.45
C SER B 83 4.32 17.26 11.86
N GLU B 84 5.16 17.82 12.72
CA GLU B 84 6.29 18.68 12.27
C GLU B 84 7.25 17.91 11.36
N LEU B 85 7.52 16.66 11.70
CA LEU B 85 8.40 15.81 10.91
C LEU B 85 7.74 15.42 9.62
N TRP B 86 6.48 15.01 9.69
CA TRP B 86 5.68 14.77 8.46
C TRP B 86 5.72 15.97 7.50
N GLU B 87 5.63 17.17 8.07
CA GLU B 87 5.77 18.41 7.31
C GLU B 87 7.20 18.80 6.87
N SER B 88 8.20 18.03 7.27
CA SER B 88 9.59 18.34 6.93
C SER B 88 10.20 17.18 6.11
N SER B 89 9.89 17.16 4.82
CA SER B 89 10.19 16.01 3.93
C SER B 89 11.64 15.49 3.94
N ASP B 90 12.61 16.37 3.75
CA ASP B 90 14.02 15.96 3.70
C ASP B 90 14.45 15.36 5.02
N ARG B 91 14.02 15.98 6.12
CA ARG B 91 14.35 15.48 7.47
C ARG B 91 13.74 14.10 7.74
N LEU B 92 12.49 13.92 7.32
CA LEU B 92 11.81 12.63 7.43
C LEU B 92 12.51 11.54 6.63
N ILE B 93 12.96 11.85 5.42
CA ILE B 93 13.75 10.90 4.64
C ILE B 93 15.00 10.47 5.41
N GLU B 94 15.68 11.40 6.04
CA GLU B 94 16.88 11.06 6.80
C GLU B 94 16.57 10.21 8.03
N VAL B 95 15.46 10.50 8.70
CA VAL B 95 15.03 9.70 9.84
C VAL B 95 14.76 8.26 9.40
N ALA B 96 14.02 8.10 8.30
CA ALA B 96 13.73 6.75 7.74
C ALA B 96 15.02 6.03 7.32
N LYS B 97 15.92 6.78 6.69
CA LYS B 97 17.21 6.24 6.28
C LYS B 97 17.99 5.70 7.49
N LYS B 98 17.99 6.44 8.61
CA LYS B 98 18.66 5.99 9.83
C LYS B 98 17.97 4.76 10.42
N SER B 99 16.65 4.77 10.39
CA SER B 99 15.88 3.66 10.93
C SER B 99 16.19 2.38 10.15
N LEU B 100 16.27 2.51 8.83
CA LEU B 100 16.62 1.41 7.95
C LEU B 100 18.04 0.90 8.25
N GLU B 101 18.99 1.81 8.36
CA GLU B 101 20.34 1.43 8.75
C GLU B 101 20.27 0.69 10.09
N ASN B 102 19.62 1.29 11.09
CA ASN B 102 19.52 0.64 12.40
C ASN B 102 18.88 -0.76 12.33
N ALA B 103 17.94 -0.95 11.40
CA ALA B 103 17.25 -2.23 11.24
C ALA B 103 18.11 -3.30 10.57
N LYS B 104 19.21 -2.87 9.93
CA LYS B 104 20.13 -3.74 9.18
C LYS B 104 21.49 -3.81 9.86
MG MG C . -4.76 -13.38 -19.21
S SO4 D . 6.24 11.94 -19.61
O1 SO4 D . 7.29 11.59 -18.66
O2 SO4 D . 5.30 10.86 -19.91
O3 SO4 D . 5.44 13.03 -19.04
O4 SO4 D . 6.87 12.41 -20.83
S SO4 E . -8.32 5.15 -16.59
O1 SO4 E . -7.59 5.55 -17.81
O2 SO4 E . -9.58 5.91 -16.51
O3 SO4 E . -8.71 3.74 -16.66
O4 SO4 E . -7.53 5.47 -15.38
S SO4 F . -6.77 2.91 9.96
O1 SO4 F . -7.20 1.88 9.01
O2 SO4 F . -7.90 3.34 10.81
O3 SO4 F . -5.69 2.37 10.80
O4 SO4 F . -6.38 4.11 9.21
MG MG G . -3.19 6.03 0.63
S SO4 H . -0.23 5.18 17.72
O1 SO4 H . 1.24 5.03 17.84
O2 SO4 H . -0.69 5.00 16.34
O3 SO4 H . -0.92 4.22 18.60
O4 SO4 H . -0.52 6.55 18.13
S SO4 I . 16.70 -4.34 16.66
O1 SO4 I . 16.98 -3.89 15.30
O2 SO4 I . 15.35 -4.05 17.18
O3 SO4 I . 16.79 -5.79 16.73
O4 SO4 I . 17.72 -3.73 17.51
S SO4 J . -11.41 -6.68 17.45
O1 SO4 J . -10.08 -6.80 18.02
O2 SO4 J . -11.72 -7.81 16.56
O3 SO4 J . -12.37 -6.69 18.56
O4 SO4 J . -11.47 -5.44 16.69
S SO4 K . 11.48 0.99 32.01
O1 SO4 K . 12.67 1.73 31.60
O2 SO4 K . 10.56 0.98 30.85
O3 SO4 K . 11.89 -0.37 32.42
O4 SO4 K . 10.83 1.65 33.15
S SO4 L . -8.50 -4.60 24.56
O1 SO4 L . -7.51 -5.17 23.65
O2 SO4 L . -9.77 -4.38 23.86
O3 SO4 L . -8.73 -5.49 25.70
O4 SO4 L . -8.00 -3.32 25.06
S SO4 M . 9.89 -5.45 12.82
O1 SO4 M . 10.13 -4.33 11.88
O2 SO4 M . 8.82 -5.17 13.78
O3 SO4 M . 9.50 -6.65 12.07
O4 SO4 M . 11.11 -5.72 13.60
#